data_8SMF
#
_entry.id   8SMF
#
_cell.length_a   94.389
_cell.length_b   82.472
_cell.length_c   90.757
_cell.angle_alpha   90.000
_cell.angle_beta   107.880
_cell.angle_gamma   90.000
#
_symmetry.space_group_name_H-M   'C 1 2 1'
#
loop_
_entity.id
_entity.type
_entity.pdbx_description
1 polymer Gp34.65
2 non-polymer (2R,3R,3aS,5S,6R,7S,8R,11R,13S,15aR)-2-(6-amino-9H-purin-9-yl)-3,6,7,11,13-pentahydroxyoctahydro-2H,5H,11H,13H-5,8-epoxy-11lambda~5~,13lambda~5~-furo[2,3-g][1,3,5,9,2,4]tetraoxadiphosphacyclotetradecine-11,13-dione
3 non-polymer 'MAGNESIUM ION'
4 water water
#
_entity_poly.entity_id   1
_entity_poly.type   'polypeptide(L)'
_entity_poly.pdbx_seq_one_letter_code
;SMKTKMSFGEALEVLKQGMQVYRSGWNGKNMFLFLKSSDALASDFGFGFGEYINEPVFGNIIFIKTADNKIHAWVPSQTD
VLAEDWDIVS
;
_entity_poly.pdbx_strand_id   B,C,F,A,D,E,H,G
#
# COMPACT_ATOMS: atom_id res chain seq x y z
N MET A 6 19.46 -33.76 16.92
CA MET A 6 20.31 -33.15 15.91
C MET A 6 20.47 -31.65 16.14
N SER A 7 21.72 -31.19 16.18
CA SER A 7 21.99 -29.76 16.27
C SER A 7 21.73 -29.09 14.92
N PHE A 8 21.70 -27.76 14.94
CA PHE A 8 21.52 -27.02 13.69
C PHE A 8 22.72 -27.24 12.77
N GLY A 9 23.92 -27.32 13.33
CA GLY A 9 25.09 -27.60 12.52
C GLY A 9 24.97 -28.91 11.76
N GLU A 10 24.38 -29.93 12.40
CA GLU A 10 24.15 -31.18 11.70
C GLU A 10 23.01 -31.05 10.68
N ALA A 11 21.96 -30.31 11.03
CA ALA A 11 20.87 -30.10 10.08
C ALA A 11 21.36 -29.37 8.83
N LEU A 12 22.29 -28.42 9.01
CA LEU A 12 22.84 -27.71 7.85
C LEU A 12 23.56 -28.67 6.90
N GLU A 13 24.28 -29.65 7.44
CA GLU A 13 24.97 -30.61 6.57
C GLU A 13 23.98 -31.46 5.80
N VAL A 14 22.86 -31.82 6.42
CA VAL A 14 21.81 -32.56 5.71
C VAL A 14 21.18 -31.68 4.64
N LEU A 15 20.96 -30.40 4.93
CA LEU A 15 20.42 -29.47 3.95
C LEU A 15 21.32 -29.36 2.72
N LYS A 16 22.63 -29.25 2.95
CA LYS A 16 23.58 -29.13 1.84
C LYS A 16 23.66 -30.41 1.02
N GLN A 17 23.09 -31.51 1.49
CA GLN A 17 23.00 -32.75 0.72
C GLN A 17 21.68 -32.88 -0.02
N GLY A 18 20.84 -31.85 0.02
CA GLY A 18 19.59 -31.85 -0.70
C GLY A 18 18.40 -32.43 0.02
N MET A 19 18.56 -32.84 1.28
CA MET A 19 17.44 -33.39 2.01
C MET A 19 16.75 -32.29 2.82
N GLN A 20 15.60 -32.66 3.40
CA GLN A 20 14.71 -31.72 4.07
C GLN A 20 14.82 -31.91 5.58
N VAL A 21 14.80 -30.80 6.32
CA VAL A 21 14.96 -30.85 7.77
C VAL A 21 13.86 -30.03 8.43
N TYR A 22 13.58 -30.36 9.69
CA TYR A 22 12.53 -29.69 10.46
C TYR A 22 12.88 -29.72 11.94
N ARG A 23 12.20 -28.88 12.71
CA ARG A 23 12.31 -28.85 14.16
C ARG A 23 11.02 -29.35 14.78
N SER A 24 11.12 -30.28 15.73
CA SER A 24 9.93 -30.73 16.44
C SER A 24 9.34 -29.62 17.29
N GLY A 25 10.16 -28.68 17.76
CA GLY A 25 9.69 -27.59 18.59
C GLY A 25 8.93 -26.50 17.85
N TRP A 26 8.92 -26.55 16.52
CA TRP A 26 8.09 -25.64 15.74
C TRP A 26 6.63 -25.81 16.12
N ASN A 27 5.87 -24.71 15.99
CA ASN A 27 4.44 -24.79 16.26
C ASN A 27 3.66 -25.36 15.09
N GLY A 28 3.90 -24.85 13.89
CA GLY A 28 3.21 -25.36 12.72
C GLY A 28 3.61 -26.79 12.41
N LYS A 29 2.67 -27.52 11.82
CA LYS A 29 2.85 -28.94 11.53
C LYS A 29 3.26 -29.17 10.09
N ASN A 30 3.98 -30.29 9.87
CA ASN A 30 4.38 -30.76 8.55
C ASN A 30 5.22 -29.74 7.77
N MET A 31 5.96 -28.91 8.48
CA MET A 31 6.84 -27.94 7.82
C MET A 31 8.24 -28.53 7.65
N PHE A 32 9.01 -27.94 6.73
CA PHE A 32 10.40 -28.37 6.54
C PHE A 32 11.14 -27.32 5.72
N LEU A 33 12.46 -27.37 5.83
CA LEU A 33 13.37 -26.54 5.05
C LEU A 33 13.90 -27.33 3.86
N PHE A 34 14.19 -26.62 2.78
CA PHE A 34 14.93 -27.20 1.67
C PHE A 34 15.77 -26.10 1.03
N LEU A 35 16.94 -26.48 0.54
CA LEU A 35 17.93 -25.55 0.00
C LEU A 35 17.99 -25.68 -1.51
N LYS A 36 17.93 -24.54 -2.22
CA LYS A 36 18.16 -24.49 -3.66
C LYS A 36 19.45 -23.74 -3.94
N SER A 37 20.30 -24.30 -4.78
CA SER A 37 21.57 -23.69 -5.10
C SER A 37 21.41 -22.62 -6.18
N SER A 38 22.46 -21.83 -6.35
CA SER A 38 22.50 -20.82 -7.41
C SER A 38 22.20 -21.44 -8.77
N ASP A 39 22.85 -22.56 -9.09
CA ASP A 39 22.61 -23.21 -10.37
C ASP A 39 21.18 -23.71 -10.48
N ALA A 40 20.64 -24.26 -9.38
CA ALA A 40 19.26 -24.76 -9.42
C ALA A 40 18.27 -23.64 -9.65
N LEU A 41 18.47 -22.50 -8.99
CA LEU A 41 17.55 -21.38 -9.10
C LEU A 41 17.58 -20.75 -10.49
N ALA A 42 18.73 -20.82 -11.17
CA ALA A 42 18.83 -20.29 -12.52
C ALA A 42 18.13 -21.17 -13.54
N SER A 43 17.90 -22.44 -13.22
CA SER A 43 17.34 -23.39 -14.19
C SER A 43 15.90 -23.01 -14.53
N ASP A 44 15.67 -22.68 -15.80
CA ASP A 44 14.35 -22.28 -16.29
C ASP A 44 13.78 -21.11 -15.49
N PHE A 45 14.64 -20.22 -15.02
CA PHE A 45 14.18 -19.04 -14.31
C PHE A 45 13.73 -17.95 -15.27
N GLY A 46 12.69 -17.24 -14.88
CA GLY A 46 12.32 -16.02 -15.56
C GLY A 46 10.92 -15.99 -16.13
N PHE A 47 10.39 -14.78 -16.32
CA PHE A 47 9.12 -14.61 -17.01
C PHE A 47 9.14 -15.27 -18.38
N GLY A 48 10.31 -15.33 -19.01
CA GLY A 48 10.45 -15.99 -20.29
C GLY A 48 10.08 -15.14 -21.49
N PHE A 49 9.73 -13.87 -21.28
CA PHE A 49 9.45 -12.93 -22.34
C PHE A 49 10.41 -11.76 -22.17
N GLY A 50 11.08 -11.38 -23.24
CA GLY A 50 12.11 -10.36 -23.17
C GLY A 50 13.43 -10.91 -22.68
N GLU A 51 14.45 -10.06 -22.73
CA GLU A 51 15.82 -10.48 -22.47
C GLU A 51 16.49 -9.56 -21.47
N TYR A 52 17.06 -10.14 -20.42
CA TYR A 52 17.89 -9.38 -19.49
C TYR A 52 19.22 -9.00 -20.14
N ILE A 53 19.77 -7.86 -19.71
CA ILE A 53 21.13 -7.51 -20.11
C ILE A 53 22.11 -8.57 -19.63
N ASN A 54 22.00 -8.95 -18.36
CA ASN A 54 22.77 -10.06 -17.80
C ASN A 54 21.81 -11.00 -17.09
N GLU A 55 22.00 -12.30 -17.31
CA GLU A 55 21.17 -13.29 -16.64
C GLU A 55 21.27 -13.09 -15.13
N PRO A 56 20.15 -13.09 -14.40
CA PRO A 56 20.23 -12.93 -12.95
C PRO A 56 21.06 -14.04 -12.34
N VAL A 57 21.83 -13.70 -11.32
CA VAL A 57 22.64 -14.67 -10.59
C VAL A 57 22.13 -14.71 -9.16
N PHE A 58 21.60 -15.85 -8.76
CA PHE A 58 21.11 -16.03 -7.40
C PHE A 58 22.23 -16.53 -6.50
N GLY A 59 22.16 -16.14 -5.23
CA GLY A 59 22.86 -16.87 -4.20
C GLY A 59 22.08 -18.11 -3.83
N ASN A 60 22.63 -18.88 -2.89
CA ASN A 60 21.85 -19.98 -2.33
C ASN A 60 20.65 -19.42 -1.58
N ILE A 61 19.49 -20.05 -1.74
CA ILE A 61 18.30 -19.66 -1.00
C ILE A 61 17.75 -20.87 -0.27
N ILE A 62 17.46 -20.69 1.02
CA ILE A 62 16.78 -21.70 1.82
C ILE A 62 15.30 -21.36 1.87
N PHE A 63 14.46 -22.30 1.49
CA PHE A 63 13.02 -22.15 1.58
C PHE A 63 12.46 -22.99 2.72
N ILE A 64 11.31 -22.56 3.22
CA ILE A 64 10.54 -23.33 4.19
C ILE A 64 9.18 -23.60 3.58
N LYS A 65 8.76 -24.86 3.61
CA LYS A 65 7.40 -25.25 3.25
C LYS A 65 6.57 -25.11 4.52
N THR A 66 5.69 -24.13 4.56
CA THR A 66 5.04 -23.73 5.80
C THR A 66 3.79 -24.56 6.07
N ALA A 67 3.14 -24.28 7.20
CA ALA A 67 2.02 -25.11 7.66
C ALA A 67 0.80 -24.98 6.77
N ASP A 68 0.66 -23.87 6.04
CA ASP A 68 -0.41 -23.70 5.07
C ASP A 68 -0.03 -24.18 3.67
N ASN A 69 1.06 -24.95 3.57
CA ASN A 69 1.51 -25.57 2.32
C ASN A 69 1.89 -24.53 1.27
N LYS A 70 2.51 -23.44 1.71
CA LYS A 70 3.11 -22.46 0.83
C LYS A 70 4.62 -22.50 0.98
N ILE A 71 5.31 -21.88 0.03
CA ILE A 71 6.77 -21.88 0.01
C ILE A 71 7.23 -20.45 0.28
N HIS A 72 7.98 -20.28 1.37
CA HIS A 72 8.47 -18.99 1.81
C HIS A 72 9.99 -19.02 1.89
N ALA A 73 10.59 -17.83 1.94
CA ALA A 73 11.99 -17.72 2.30
C ALA A 73 12.15 -17.97 3.80
N TRP A 74 13.11 -18.82 4.16
CA TRP A 74 13.32 -19.16 5.56
C TRP A 74 14.25 -18.15 6.20
N VAL A 75 13.74 -17.45 7.20
CA VAL A 75 14.55 -16.54 8.01
C VAL A 75 15.10 -17.33 9.20
N PRO A 76 16.43 -17.47 9.34
CA PRO A 76 16.96 -18.27 10.45
C PRO A 76 16.79 -17.59 11.79
N SER A 77 15.89 -18.09 12.61
CA SER A 77 15.68 -17.48 13.91
C SER A 77 16.77 -17.89 14.88
N GLN A 78 16.95 -17.09 15.93
CA GLN A 78 17.91 -17.47 16.97
C GLN A 78 17.50 -18.78 17.63
N THR A 79 16.21 -18.95 17.88
CA THR A 79 15.72 -20.21 18.44
C THR A 79 16.08 -21.38 17.54
N ASP A 80 15.81 -21.24 16.24
CA ASP A 80 16.14 -22.30 15.27
C ASP A 80 17.62 -22.63 15.31
N VAL A 81 18.46 -21.61 15.23
CA VAL A 81 19.89 -21.81 15.08
C VAL A 81 20.51 -22.42 16.34
N LEU A 82 19.94 -22.10 17.50
CA LEU A 82 20.47 -22.61 18.75
C LEU A 82 19.84 -23.92 19.19
N ALA A 83 18.83 -24.41 18.47
CA ALA A 83 18.08 -25.56 18.94
C ALA A 83 18.81 -26.87 18.65
N GLU A 84 18.42 -27.90 19.40
CA GLU A 84 18.99 -29.24 19.30
C GLU A 84 17.91 -30.27 18.99
N ASP A 85 16.82 -29.85 18.36
CA ASP A 85 15.65 -30.70 18.12
C ASP A 85 15.39 -30.88 16.62
N TRP A 86 16.44 -30.78 15.81
CA TRP A 86 16.32 -30.93 14.37
C TRP A 86 16.21 -32.41 13.99
N ASP A 87 15.60 -32.66 12.83
CA ASP A 87 15.49 -34.02 12.32
C ASP A 87 15.32 -33.95 10.81
N ILE A 88 15.47 -35.09 10.16
CA ILE A 88 15.34 -35.22 8.71
C ILE A 88 13.94 -35.72 8.40
N VAL A 89 13.38 -35.23 7.29
CA VAL A 89 12.06 -35.67 6.85
C VAL A 89 12.14 -37.07 6.27
N LYS B 5 37.00 -20.70 6.72
CA LYS B 5 37.70 -21.26 7.89
C LYS B 5 36.77 -22.20 8.65
N MET B 6 35.91 -21.64 9.48
CA MET B 6 34.94 -22.42 10.25
C MET B 6 33.57 -22.40 9.58
N SER B 7 32.84 -23.48 9.78
CA SER B 7 31.42 -23.52 9.45
C SER B 7 30.62 -22.76 10.51
N PHE B 8 29.36 -22.45 10.17
CA PHE B 8 28.49 -21.76 11.12
C PHE B 8 28.20 -22.63 12.33
N GLY B 9 28.07 -23.94 12.13
CA GLY B 9 27.88 -24.82 13.26
C GLY B 9 29.03 -24.75 14.25
N GLU B 10 30.25 -24.69 13.73
CA GLU B 10 31.42 -24.54 14.61
C GLU B 10 31.42 -23.17 15.28
N ALA B 11 31.09 -22.11 14.53
CA ALA B 11 31.04 -20.78 15.11
C ALA B 11 30.02 -20.71 16.24
N LEU B 12 28.90 -21.42 16.09
CA LEU B 12 27.88 -21.43 17.13
C LEU B 12 28.41 -22.03 18.43
N GLU B 13 29.15 -23.14 18.34
CA GLU B 13 29.68 -23.74 19.56
C GLU B 13 30.78 -22.88 20.17
N VAL B 14 31.58 -22.20 19.33
CA VAL B 14 32.55 -21.25 19.86
C VAL B 14 31.84 -20.13 20.59
N LEU B 15 30.70 -19.67 20.03
CA LEU B 15 29.89 -18.67 20.72
C LEU B 15 29.39 -19.18 22.06
N LYS B 16 28.88 -20.41 22.07
CA LYS B 16 28.38 -20.98 23.33
C LYS B 16 29.48 -21.11 24.36
N GLN B 17 30.73 -21.22 23.92
CA GLN B 17 31.83 -21.35 24.87
C GLN B 17 32.43 -20.00 25.27
N GLY B 18 31.78 -18.90 24.91
CA GLY B 18 32.15 -17.60 25.43
C GLY B 18 33.11 -16.79 24.59
N MET B 19 33.41 -17.22 23.37
CA MET B 19 34.30 -16.49 22.49
C MET B 19 33.51 -15.67 21.47
N GLN B 20 34.22 -14.83 20.74
CA GLN B 20 33.62 -13.93 19.76
C GLN B 20 33.99 -14.38 18.36
N VAL B 21 33.05 -14.24 17.43
CA VAL B 21 33.23 -14.72 16.06
C VAL B 21 32.78 -13.66 15.08
N TYR B 22 33.25 -13.80 13.84
CA TYR B 22 32.85 -12.94 12.73
C TYR B 22 33.10 -13.68 11.43
N ARG B 23 32.51 -13.15 10.36
CA ARG B 23 32.73 -13.66 9.01
C ARG B 23 33.69 -12.74 8.28
N SER B 24 34.74 -13.32 7.69
CA SER B 24 35.66 -12.50 6.92
C SER B 24 35.01 -11.92 5.69
N GLY B 25 33.93 -12.53 5.20
CA GLY B 25 33.19 -12.07 4.04
C GLY B 25 32.18 -10.97 4.30
N TRP B 26 32.00 -10.54 5.55
CA TRP B 26 31.12 -9.43 5.83
C TRP B 26 31.61 -8.15 5.17
N ASN B 27 30.68 -7.25 4.84
CA ASN B 27 31.08 -5.95 4.31
C ASN B 27 31.66 -5.05 5.40
N GLY B 28 30.98 -4.96 6.54
CA GLY B 28 31.45 -4.10 7.60
C GLY B 28 32.62 -4.69 8.36
N LYS B 29 33.50 -3.81 8.81
CA LYS B 29 34.65 -4.20 9.60
C LYS B 29 34.41 -3.91 11.07
N ASN B 30 35.28 -4.47 11.92
CA ASN B 30 35.28 -4.25 13.37
C ASN B 30 34.01 -4.77 14.03
N MET B 31 33.32 -5.72 13.41
CA MET B 31 32.11 -6.32 13.97
C MET B 31 32.43 -7.71 14.52
N PHE B 32 31.58 -8.15 15.44
CA PHE B 32 31.66 -9.51 15.93
C PHE B 32 30.36 -9.90 16.61
N LEU B 33 30.20 -11.19 16.82
CA LEU B 33 29.08 -11.74 17.57
C LEU B 33 29.57 -12.23 18.93
N PHE B 34 28.67 -12.18 19.92
CA PHE B 34 28.94 -12.80 21.20
C PHE B 34 27.60 -13.22 21.79
N LEU B 35 27.67 -14.17 22.72
CA LEU B 35 26.49 -14.84 23.25
C LEU B 35 26.43 -14.67 24.76
N LYS B 36 25.23 -14.38 25.27
CA LYS B 36 24.95 -14.38 26.70
C LYS B 36 23.61 -15.04 26.91
N SER B 37 23.31 -15.36 28.16
CA SER B 37 21.98 -15.84 28.52
C SER B 37 21.03 -14.66 28.62
N SER B 38 19.79 -14.86 28.19
CA SER B 38 18.76 -13.84 28.39
C SER B 38 18.25 -13.80 29.82
N ASP B 39 18.76 -14.64 30.71
CA ASP B 39 18.28 -14.66 32.09
C ASP B 39 18.61 -13.36 32.84
N ALA B 40 19.44 -12.50 32.26
CA ALA B 40 19.64 -11.15 32.80
C ALA B 40 18.34 -10.36 32.85
N LEU B 41 17.32 -10.78 32.10
CA LEU B 41 16.02 -10.12 32.14
C LEU B 41 15.20 -10.50 33.36
N ALA B 42 15.58 -11.58 34.06
CA ALA B 42 14.77 -12.06 35.18
C ALA B 42 14.68 -11.04 36.31
N SER B 43 15.73 -10.23 36.50
CA SER B 43 15.69 -9.19 37.53
C SER B 43 14.76 -8.05 37.15
N ASP B 44 14.43 -7.89 35.87
CA ASP B 44 13.63 -6.77 35.42
C ASP B 44 12.19 -6.91 35.92
N PHE B 45 11.37 -5.90 35.61
CA PHE B 45 9.98 -5.78 36.02
C PHE B 45 9.72 -6.29 37.43
N PRO B 56 9.28 -18.81 33.32
CA PRO B 56 9.78 -18.66 31.95
C PRO B 56 11.20 -19.20 31.77
N VAL B 57 11.41 -19.93 30.68
CA VAL B 57 12.73 -20.48 30.37
C VAL B 57 13.48 -19.47 29.51
N PHE B 58 14.66 -19.05 29.98
CA PHE B 58 15.44 -18.04 29.29
C PHE B 58 16.44 -18.72 28.36
N GLY B 59 16.31 -18.44 27.05
CA GLY B 59 17.27 -18.93 26.10
C GLY B 59 18.48 -18.02 26.01
N ASN B 60 19.51 -18.51 25.31
CA ASN B 60 20.66 -17.68 25.03
C ASN B 60 20.30 -16.67 23.94
N ILE B 61 21.07 -15.58 23.89
CA ILE B 61 20.94 -14.52 22.89
C ILE B 61 22.27 -14.36 22.17
N ILE B 62 22.22 -14.23 20.85
CA ILE B 62 23.39 -13.84 20.08
C ILE B 62 23.29 -12.35 19.79
N PHE B 63 24.26 -11.59 20.27
CA PHE B 63 24.37 -10.17 20.00
C PHE B 63 25.35 -9.94 18.86
N ILE B 64 25.20 -8.81 18.18
CA ILE B 64 26.19 -8.31 17.24
C ILE B 64 26.66 -6.96 17.72
N LYS B 65 27.98 -6.79 17.81
CA LYS B 65 28.63 -5.49 17.94
C LYS B 65 28.83 -4.96 16.52
N THR B 66 28.12 -3.89 16.17
CA THR B 66 27.97 -3.50 14.78
C THR B 66 29.11 -2.58 14.35
N ALA B 67 29.13 -2.29 13.05
CA ALA B 67 30.20 -1.47 12.48
C ALA B 67 30.18 -0.05 13.01
N ASP B 68 29.02 0.41 13.49
CA ASP B 68 28.88 1.73 14.09
C ASP B 68 28.85 1.68 15.62
N ASN B 69 29.39 0.60 16.21
CA ASN B 69 29.62 0.48 17.64
C ASN B 69 28.33 0.44 18.46
N LYS B 70 27.33 -0.32 17.99
CA LYS B 70 26.13 -0.57 18.77
C LYS B 70 26.03 -2.07 19.06
N ILE B 71 25.22 -2.41 20.06
CA ILE B 71 24.93 -3.79 20.42
C ILE B 71 23.47 -4.06 20.10
N HIS B 72 23.23 -4.95 19.14
CA HIS B 72 21.88 -5.37 18.77
C HIS B 72 21.76 -6.88 18.86
N ALA B 73 20.52 -7.36 18.86
CA ALA B 73 20.29 -8.79 18.68
C ALA B 73 20.55 -9.17 17.23
N TRP B 74 21.37 -10.20 17.03
CA TRP B 74 21.83 -10.54 15.69
C TRP B 74 20.78 -11.36 14.95
N VAL B 75 20.64 -11.09 13.66
CA VAL B 75 19.76 -11.84 12.80
C VAL B 75 20.61 -12.44 11.68
N PRO B 76 20.71 -13.77 11.57
CA PRO B 76 21.56 -14.37 10.54
C PRO B 76 20.91 -14.24 9.17
N SER B 77 21.71 -13.83 8.17
CA SER B 77 21.25 -14.02 6.81
C SER B 77 21.44 -15.48 6.42
N GLN B 78 20.81 -15.87 5.30
CA GLN B 78 21.01 -17.24 4.83
C GLN B 78 22.46 -17.45 4.42
N THR B 79 23.10 -16.43 3.85
CA THR B 79 24.52 -16.53 3.51
C THR B 79 25.37 -16.77 4.76
N ASP B 80 25.04 -16.07 5.85
CA ASP B 80 25.74 -16.27 7.12
C ASP B 80 25.76 -17.73 7.54
N VAL B 81 24.60 -18.40 7.50
CA VAL B 81 24.52 -19.74 8.08
C VAL B 81 25.08 -20.80 7.15
N LEU B 82 25.16 -20.53 5.85
CA LEU B 82 25.74 -21.45 4.89
C LEU B 82 27.24 -21.28 4.72
N ALA B 83 27.80 -20.20 5.26
CA ALA B 83 29.16 -19.79 4.93
C ALA B 83 30.21 -20.58 5.71
N GLU B 84 31.40 -20.69 5.11
CA GLU B 84 32.53 -21.39 5.72
C GLU B 84 33.69 -20.45 5.99
N ASP B 85 33.42 -19.16 6.14
CA ASP B 85 34.47 -18.15 6.34
C ASP B 85 34.40 -17.53 7.73
N TRP B 86 33.92 -18.28 8.72
CA TRP B 86 33.85 -17.77 10.08
C TRP B 86 35.20 -17.83 10.77
N ASP B 87 35.50 -16.84 11.60
CA ASP B 87 36.77 -16.77 12.29
C ASP B 87 36.53 -16.31 13.73
N ILE B 88 37.54 -16.52 14.56
CA ILE B 88 37.46 -16.18 15.98
C ILE B 88 38.24 -14.91 16.23
N VAL B 89 37.66 -14.01 17.02
CA VAL B 89 38.34 -12.77 17.41
C VAL B 89 39.54 -13.08 18.30
N LYS C 5 -35.32 24.66 -3.99
CA LYS C 5 -33.92 24.28 -4.06
C LYS C 5 -33.78 23.15 -5.03
N MET C 6 -34.65 23.17 -6.04
CA MET C 6 -34.75 22.02 -6.92
C MET C 6 -33.44 21.78 -7.66
N SER C 7 -32.80 22.82 -8.18
CA SER C 7 -31.57 22.65 -8.95
C SER C 7 -30.36 22.54 -8.01
N PHE C 8 -29.26 22.01 -8.56
CA PHE C 8 -28.05 21.84 -7.77
C PHE C 8 -27.46 23.17 -7.36
N GLY C 9 -27.55 24.19 -8.22
CA GLY C 9 -27.08 25.50 -7.85
C GLY C 9 -27.80 26.06 -6.63
N GLU C 10 -29.12 25.87 -6.60
CA GLU C 10 -29.89 26.30 -5.44
C GLU C 10 -29.56 25.44 -4.22
N ALA C 11 -29.32 24.15 -4.42
CA ALA C 11 -28.97 23.28 -3.31
C ALA C 11 -27.62 23.68 -2.70
N LEU C 12 -26.67 24.10 -3.53
CA LEU C 12 -25.38 24.54 -3.01
C LEU C 12 -25.52 25.78 -2.13
N GLU C 13 -26.37 26.74 -2.52
CA GLU C 13 -26.53 27.93 -1.69
C GLU C 13 -27.17 27.58 -0.35
N VAL C 14 -28.04 26.57 -0.34
CA VAL C 14 -28.64 26.10 0.91
C VAL C 14 -27.58 25.44 1.79
N LEU C 15 -26.75 24.58 1.18
CA LEU C 15 -25.61 24.01 1.89
C LEU C 15 -24.70 25.10 2.46
N LYS C 16 -24.47 26.16 1.69
CA LYS C 16 -23.61 27.25 2.18
C LYS C 16 -24.20 27.93 3.41
N GLN C 17 -25.52 27.94 3.52
CA GLN C 17 -26.18 28.56 4.67
C GLN C 17 -26.29 27.62 5.86
N GLY C 18 -25.72 26.42 5.76
CA GLY C 18 -25.67 25.51 6.89
C GLY C 18 -26.79 24.50 6.98
N MET C 19 -27.67 24.44 5.99
CA MET C 19 -28.75 23.47 6.00
C MET C 19 -28.34 22.21 5.26
N GLN C 20 -29.17 21.18 5.37
CA GLN C 20 -28.90 19.87 4.78
C GLN C 20 -29.80 19.65 3.57
N VAL C 21 -29.28 18.98 2.54
CA VAL C 21 -30.04 18.75 1.31
C VAL C 21 -29.90 17.28 0.88
N TYR C 22 -30.83 16.86 0.04
CA TYR C 22 -30.85 15.51 -0.50
C TYR C 22 -31.56 15.53 -1.85
N ARG C 23 -31.37 14.45 -2.61
CA ARG C 23 -32.09 14.23 -3.86
C ARG C 23 -33.18 13.19 -3.64
N SER C 24 -34.41 13.51 -4.05
CA SER C 24 -35.47 12.52 -3.94
C SER C 24 -35.24 11.33 -4.85
N GLY C 25 -34.41 11.50 -5.89
CA GLY C 25 -34.12 10.42 -6.82
C GLY C 25 -33.03 9.45 -6.42
N TRP C 26 -32.32 9.73 -5.32
CA TRP C 26 -31.29 8.82 -4.84
C TRP C 26 -31.87 7.43 -4.57
N ASN C 27 -31.04 6.40 -4.78
CA ASN C 27 -31.45 5.04 -4.42
C ASN C 27 -31.53 4.86 -2.92
N GLY C 28 -30.56 5.37 -2.18
CA GLY C 28 -30.56 5.23 -0.74
C GLY C 28 -31.53 6.18 -0.08
N LYS C 29 -32.09 5.73 1.04
CA LYS C 29 -33.11 6.49 1.76
C LYS C 29 -32.51 7.15 3.00
N ASN C 30 -33.04 8.33 3.32
CA ASN C 30 -32.66 9.10 4.50
C ASN C 30 -31.18 9.52 4.47
N MET C 31 -30.66 9.77 3.28
CA MET C 31 -29.32 10.33 3.15
C MET C 31 -29.41 11.85 3.04
N PHE C 32 -28.30 12.52 3.30
CA PHE C 32 -28.26 13.97 3.11
C PHE C 32 -26.81 14.45 3.06
N LEU C 33 -26.66 15.64 2.51
CA LEU C 33 -25.39 16.33 2.44
C LEU C 33 -25.35 17.42 3.51
N PHE C 34 -24.14 17.78 3.91
CA PHE C 34 -23.94 18.94 4.76
C PHE C 34 -22.57 19.51 4.49
N LEU C 35 -22.42 20.80 4.75
CA LEU C 35 -21.20 21.53 4.41
C LEU C 35 -20.55 22.06 5.69
N LYS C 36 -19.25 21.85 5.82
CA LYS C 36 -18.46 22.45 6.89
C LYS C 36 -17.58 23.55 6.33
N SER C 37 -17.50 24.66 7.05
CA SER C 37 -16.75 25.82 6.60
C SER C 37 -15.25 25.63 6.87
N SER C 38 -14.46 26.46 6.20
CA SER C 38 -13.01 26.49 6.43
C SER C 38 -12.69 26.59 7.92
N ASP C 39 -13.36 27.50 8.63
CA ASP C 39 -13.05 27.73 10.04
C ASP C 39 -13.38 26.52 10.89
N ALA C 40 -14.55 25.90 10.67
CA ALA C 40 -14.93 24.73 11.44
C ALA C 40 -13.98 23.57 11.18
N LEU C 41 -13.53 23.43 9.93
CA LEU C 41 -12.64 22.33 9.57
C LEU C 41 -11.25 22.53 10.18
N ALA C 42 -10.73 23.74 10.13
CA ALA C 42 -9.41 24.00 10.71
C ALA C 42 -9.39 23.70 12.20
N SER C 43 -10.42 24.14 12.93
CA SER C 43 -10.44 23.86 14.36
C SER C 43 -10.69 22.39 14.65
N ASP C 44 -11.43 21.70 13.78
CA ASP C 44 -11.65 20.27 13.99
C ASP C 44 -10.40 19.45 13.70
N PHE C 45 -9.73 19.73 12.60
CA PHE C 45 -8.57 18.94 12.19
C PHE C 45 -7.24 19.47 12.73
N GLY C 46 -7.21 20.70 13.21
CA GLY C 46 -6.00 21.24 13.81
C GLY C 46 -4.94 21.71 12.85
N PHE C 47 -5.26 21.84 11.56
CA PHE C 47 -4.35 22.40 10.58
C PHE C 47 -5.17 23.16 9.55
N GLY C 48 -4.48 23.76 8.59
CA GLY C 48 -5.18 24.52 7.56
C GLY C 48 -5.80 25.80 8.06
N PHE C 49 -5.26 26.37 9.13
CA PHE C 49 -5.81 27.59 9.71
C PHE C 49 -5.53 28.80 8.83
N GLU C 55 0.40 25.79 6.49
CA GLU C 55 0.51 26.91 5.55
C GLU C 55 -0.65 26.95 4.54
N PRO C 56 -1.02 25.82 3.92
CA PRO C 56 -2.27 25.81 3.16
C PRO C 56 -3.46 25.98 4.10
N VAL C 57 -4.58 26.43 3.53
CA VAL C 57 -5.77 26.75 4.29
C VAL C 57 -6.94 25.92 3.77
N PHE C 58 -7.79 25.48 4.69
CA PHE C 58 -8.99 24.72 4.31
C PHE C 58 -9.90 25.55 3.42
N GLY C 59 -10.51 24.89 2.44
CA GLY C 59 -11.73 25.37 1.82
C GLY C 59 -12.94 24.77 2.52
N ASN C 60 -14.11 25.00 1.93
CA ASN C 60 -15.31 24.31 2.39
C ASN C 60 -15.29 22.87 1.89
N ILE C 61 -15.96 21.98 2.62
CA ILE C 61 -16.04 20.58 2.25
C ILE C 61 -17.48 20.11 2.43
N ILE C 62 -18.01 19.41 1.42
CA ILE C 62 -19.34 18.81 1.49
C ILE C 62 -19.18 17.35 1.90
N PHE C 63 -19.96 16.93 2.88
CA PHE C 63 -20.00 15.55 3.34
C PHE C 63 -21.36 14.95 3.02
N ILE C 64 -21.39 13.62 2.97
CA ILE C 64 -22.64 12.89 2.83
C ILE C 64 -22.79 11.96 4.03
N LYS C 65 -24.01 11.88 4.55
CA LYS C 65 -24.41 10.86 5.51
C LYS C 65 -25.16 9.79 4.73
N THR C 66 -24.55 8.62 4.57
CA THR C 66 -25.04 7.61 3.65
C THR C 66 -26.17 6.81 4.28
N ALA C 67 -26.81 5.96 3.47
CA ALA C 67 -27.93 5.16 3.95
C ALA C 67 -27.51 4.07 4.91
N ASP C 68 -26.21 3.82 5.05
CA ASP C 68 -25.66 2.89 6.02
C ASP C 68 -25.08 3.60 7.25
N ASN C 69 -25.50 4.85 7.48
CA ASN C 69 -25.10 5.64 8.64
C ASN C 69 -23.61 5.95 8.66
N LYS C 70 -22.98 6.02 7.48
CA LYS C 70 -21.58 6.37 7.37
C LYS C 70 -21.42 7.81 6.89
N ILE C 71 -20.32 8.44 7.28
CA ILE C 71 -20.01 9.81 6.88
C ILE C 71 -18.76 9.79 6.01
N HIS C 72 -18.86 10.40 4.82
CA HIS C 72 -17.74 10.52 3.90
C HIS C 72 -17.74 11.91 3.30
N ALA C 73 -16.59 12.30 2.74
CA ALA C 73 -16.59 13.42 1.81
C ALA C 73 -17.40 13.05 0.58
N TRP C 74 -18.27 13.96 0.15
CA TRP C 74 -19.21 13.66 -0.93
C TRP C 74 -18.57 13.90 -2.29
N VAL C 75 -18.89 13.02 -3.23
CA VAL C 75 -18.48 13.17 -4.61
C VAL C 75 -19.75 13.23 -5.48
N PRO C 76 -20.01 14.33 -6.18
CA PRO C 76 -21.21 14.39 -7.02
C PRO C 76 -21.08 13.53 -8.26
N SER C 77 -22.14 12.79 -8.58
CA SER C 77 -22.23 12.23 -9.91
C SER C 77 -22.69 13.30 -10.88
N GLN C 78 -22.53 13.04 -12.18
CA GLN C 78 -23.01 14.02 -13.16
C GLN C 78 -24.53 14.15 -13.07
N THR C 79 -25.21 13.05 -12.78
CA THR C 79 -26.66 13.11 -12.61
C THR C 79 -27.04 13.96 -11.40
N ASP C 80 -26.25 13.86 -10.31
CA ASP C 80 -26.49 14.73 -9.15
C ASP C 80 -26.47 16.20 -9.53
N VAL C 81 -25.44 16.63 -10.27
CA VAL C 81 -25.32 18.05 -10.55
C VAL C 81 -26.31 18.51 -11.62
N LEU C 82 -26.80 17.62 -12.45
CA LEU C 82 -27.77 18.00 -13.47
C LEU C 82 -29.22 17.91 -13.01
N ALA C 83 -29.48 17.31 -11.85
CA ALA C 83 -30.84 16.97 -11.45
C ALA C 83 -31.58 18.18 -10.86
N GLU C 84 -32.91 18.11 -10.95
CA GLU C 84 -33.81 19.16 -10.46
C GLU C 84 -34.70 18.64 -9.35
N ASP C 85 -34.25 17.61 -8.62
CA ASP C 85 -35.03 16.97 -7.58
C ASP C 85 -34.40 17.15 -6.21
N TRP C 86 -33.64 18.23 -6.02
CA TRP C 86 -33.04 18.48 -4.71
C TRP C 86 -34.07 19.05 -3.76
N ASP C 87 -33.88 18.76 -2.47
CA ASP C 87 -34.80 19.22 -1.44
C ASP C 87 -34.04 19.43 -0.15
N ILE C 88 -34.66 20.20 0.75
CA ILE C 88 -34.08 20.51 2.05
C ILE C 88 -34.56 19.50 3.07
N VAL C 89 -33.65 19.03 3.92
CA VAL C 89 -34.03 18.16 5.03
C VAL C 89 -34.91 18.95 5.99
N SER C 90 -36.10 18.43 6.26
CA SER C 90 -37.04 19.10 7.15
C SER C 90 -36.72 18.79 8.61
N LYS D 5 -1.03 -2.05 16.37
CA LYS D 5 -2.14 -1.97 15.43
C LYS D 5 -1.97 -2.95 14.26
N MET D 6 -2.52 -2.63 13.10
CA MET D 6 -2.71 -3.61 12.04
C MET D 6 -1.38 -4.00 11.39
N SER D 7 -0.67 -3.03 10.81
CA SER D 7 0.54 -3.35 10.07
C SER D 7 1.74 -3.50 11.01
N PHE D 8 2.83 -4.03 10.46
CA PHE D 8 4.03 -4.23 11.26
C PHE D 8 4.65 -2.91 11.67
N GLY D 9 4.59 -1.90 10.79
CA GLY D 9 5.08 -0.58 11.17
C GLY D 9 4.34 -0.01 12.36
N GLU D 10 3.03 -0.24 12.42
CA GLU D 10 2.25 0.19 13.58
C GLU D 10 2.62 -0.62 14.82
N ALA D 11 2.82 -1.93 14.64
CA ALA D 11 3.18 -2.77 15.78
C ALA D 11 4.51 -2.35 16.38
N LEU D 12 5.44 -1.89 15.54
CA LEU D 12 6.73 -1.44 16.05
C LEU D 12 6.58 -0.20 16.91
N GLU D 13 5.67 0.71 16.53
CA GLU D 13 5.43 1.89 17.36
C GLU D 13 4.82 1.51 18.70
N VAL D 14 3.94 0.50 18.70
CA VAL D 14 3.37 0.02 19.96
C VAL D 14 4.45 -0.61 20.82
N LEU D 15 5.33 -1.40 20.20
CA LEU D 15 6.46 -1.98 20.93
C LEU D 15 7.33 -0.88 21.54
N LYS D 16 7.61 0.17 20.78
CA LYS D 16 8.51 1.22 21.27
C LYS D 16 7.92 1.95 22.48
N GLN D 17 6.61 1.99 22.58
CA GLN D 17 5.94 2.61 23.72
C GLN D 17 5.81 1.66 24.90
N GLY D 18 6.37 0.46 24.80
CA GLY D 18 6.44 -0.45 25.92
C GLY D 18 5.32 -1.45 26.03
N MET D 19 4.46 -1.57 25.01
CA MET D 19 3.39 -2.54 25.04
C MET D 19 3.78 -3.79 24.28
N GLN D 20 2.94 -4.82 24.39
CA GLN D 20 3.19 -6.12 23.80
C GLN D 20 2.29 -6.33 22.58
N VAL D 21 2.82 -7.01 21.55
CA VAL D 21 2.07 -7.24 20.32
C VAL D 21 2.18 -8.71 19.92
N TYR D 22 1.25 -9.13 19.05
CA TYR D 22 1.27 -10.48 18.52
C TYR D 22 0.58 -10.49 17.16
N ARG D 23 0.76 -11.60 16.44
CA ARG D 23 0.05 -11.84 15.19
C ARG D 23 -1.00 -12.92 15.42
N SER D 24 -2.24 -12.63 15.04
CA SER D 24 -3.29 -13.63 15.16
C SER D 24 -3.07 -14.81 14.22
N GLY D 25 -2.29 -14.64 13.16
CA GLY D 25 -1.99 -15.69 12.22
C GLY D 25 -0.87 -16.62 12.60
N TRP D 26 -0.15 -16.33 13.69
CA TRP D 26 0.90 -17.22 14.17
C TRP D 26 0.34 -18.61 14.48
N ASN D 27 1.18 -19.62 14.24
CA ASN D 27 0.79 -20.99 14.57
C ASN D 27 0.72 -21.21 16.09
N GLY D 28 1.63 -20.61 16.84
CA GLY D 28 1.62 -20.77 18.28
C GLY D 28 0.64 -19.84 18.95
N LYS D 29 0.03 -20.31 20.04
CA LYS D 29 -0.97 -19.55 20.77
C LYS D 29 -0.36 -18.91 22.02
N ASN D 30 -0.88 -17.73 22.36
CA ASN D 30 -0.51 -16.99 23.56
C ASN D 30 0.94 -16.51 23.54
N MET D 31 1.46 -16.24 22.36
CA MET D 31 2.79 -15.67 22.19
C MET D 31 2.69 -14.15 22.05
N PHE D 32 3.80 -13.47 22.33
CA PHE D 32 3.85 -12.03 22.11
C PHE D 32 5.30 -11.55 22.03
N LEU D 33 5.46 -10.34 21.49
CA LEU D 33 6.73 -9.64 21.45
C LEU D 33 6.75 -8.55 22.51
N PHE D 34 7.94 -8.23 22.99
CA PHE D 34 8.14 -7.06 23.83
C PHE D 34 9.52 -6.49 23.52
N LEU D 35 9.65 -5.18 23.73
CA LEU D 35 10.88 -4.46 23.43
C LEU D 35 11.49 -3.94 24.71
N LYS D 36 12.80 -4.11 24.86
CA LYS D 36 13.55 -3.54 25.97
C LYS D 36 14.45 -2.42 25.44
N SER D 37 14.49 -1.31 26.17
CA SER D 37 15.25 -0.16 25.75
C SER D 37 16.74 -0.35 26.03
N SER D 38 17.55 0.48 25.39
CA SER D 38 19.00 0.47 25.63
C SER D 38 19.31 0.61 27.13
N ASP D 39 18.62 1.54 27.80
CA ASP D 39 18.87 1.78 29.22
C ASP D 39 18.54 0.54 30.05
N ALA D 40 17.40 -0.09 29.78
CA ALA D 40 17.03 -1.29 30.52
C ALA D 40 17.99 -2.43 30.23
N LEU D 41 18.43 -2.56 28.98
CA LEU D 41 19.35 -3.64 28.63
C LEU D 41 20.71 -3.45 29.28
N ALA D 42 21.25 -2.23 29.24
CA ALA D 42 22.55 -1.97 29.87
C ALA D 42 22.49 -2.26 31.37
N SER D 43 21.39 -1.87 32.02
CA SER D 43 21.24 -2.15 33.44
C SER D 43 21.16 -3.66 33.70
N ASP D 44 20.45 -4.40 32.86
CA ASP D 44 20.29 -5.83 33.09
C ASP D 44 21.59 -6.59 32.82
N PHE D 45 22.26 -6.29 31.72
CA PHE D 45 23.43 -7.07 31.32
C PHE D 45 24.74 -6.52 31.88
N GLY D 46 24.77 -5.29 32.35
CA GLY D 46 25.97 -4.74 32.94
C GLY D 46 27.00 -4.21 31.97
N PHE D 47 26.64 -4.06 30.69
CA PHE D 47 27.53 -3.45 29.71
C PHE D 47 26.67 -2.71 28.69
N GLY D 48 27.32 -2.06 27.74
CA GLY D 48 26.60 -1.32 26.72
C GLY D 48 25.99 -0.03 27.22
N PHE D 49 26.60 0.61 28.23
CA PHE D 49 26.06 1.84 28.78
C PHE D 49 26.30 3.03 27.85
N GLY D 50 27.48 3.09 27.23
CA GLY D 50 27.82 4.19 26.36
C GLY D 50 28.00 5.50 27.11
N PRO D 56 30.75 1.17 22.89
CA PRO D 56 29.73 0.19 22.51
C PRO D 56 28.46 0.35 23.33
N VAL D 57 27.35 0.69 22.69
CA VAL D 57 26.11 1.00 23.37
C VAL D 57 25.01 0.05 22.89
N PHE D 58 24.20 -0.43 23.82
CA PHE D 58 23.03 -1.20 23.46
C PHE D 58 22.08 -0.39 22.57
N GLY D 59 21.47 -1.07 21.61
CA GLY D 59 20.28 -0.57 20.96
C GLY D 59 19.05 -1.11 21.66
N ASN D 60 17.90 -0.87 21.04
CA ASN D 60 16.70 -1.58 21.46
C ASN D 60 16.75 -3.01 20.97
N ILE D 61 16.10 -3.90 21.70
CA ILE D 61 16.02 -5.31 21.30
C ILE D 61 14.59 -5.81 21.48
N ILE D 62 14.07 -6.49 20.48
CA ILE D 62 12.75 -7.11 20.53
C ILE D 62 12.92 -8.56 20.95
N PHE D 63 12.14 -8.98 21.95
CA PHE D 63 12.13 -10.35 22.42
C PHE D 63 10.78 -10.98 22.12
N ILE D 64 10.76 -12.30 22.04
CA ILE D 64 9.54 -13.05 21.88
C ILE D 64 9.40 -14.03 23.05
N LYS D 65 8.19 -14.12 23.58
CA LYS D 65 7.82 -15.16 24.53
C LYS D 65 7.09 -16.21 23.71
N THR D 66 7.69 -17.38 23.58
CA THR D 66 7.17 -18.39 22.67
C THR D 66 6.02 -19.18 23.30
N ALA D 67 5.40 -20.04 22.49
CA ALA D 67 4.24 -20.80 22.94
C ALA D 67 4.61 -21.87 23.95
N ASP D 68 5.90 -22.19 24.07
CA ASP D 68 6.40 -23.13 25.05
C ASP D 68 6.99 -22.44 26.27
N ASN D 69 6.70 -21.15 26.44
CA ASN D 69 7.09 -20.36 27.61
C ASN D 69 8.61 -20.09 27.65
N LYS D 70 9.25 -20.07 26.49
CA LYS D 70 10.66 -19.70 26.38
C LYS D 70 10.78 -18.26 25.90
N ILE D 71 11.88 -17.62 26.28
CA ILE D 71 12.16 -16.24 25.90
C ILE D 71 13.41 -16.22 25.02
N HIS D 72 13.29 -15.60 23.85
CA HIS D 72 14.39 -15.47 22.90
C HIS D 72 14.39 -14.07 22.30
N ALA D 73 15.54 -13.67 21.77
CA ALA D 73 15.54 -12.54 20.85
C ALA D 73 14.75 -12.92 19.61
N TRP D 74 13.89 -12.00 19.15
CA TRP D 74 12.96 -12.31 18.08
C TRP D 74 13.60 -12.07 16.72
N VAL D 75 13.31 -12.96 15.78
CA VAL D 75 13.72 -12.82 14.40
C VAL D 75 12.46 -12.76 13.54
N PRO D 76 12.20 -11.67 12.82
CA PRO D 76 10.99 -11.59 12.00
C PRO D 76 11.11 -12.45 10.76
N SER D 77 10.07 -13.21 10.45
CA SER D 77 9.97 -13.76 9.11
C SER D 77 9.51 -12.66 8.16
N GLN D 78 9.67 -12.92 6.85
CA GLN D 78 9.18 -11.94 5.89
C GLN D 78 7.67 -11.83 5.97
N THR D 79 6.99 -12.95 6.24
CA THR D 79 5.54 -12.91 6.43
C THR D 79 5.15 -12.05 7.61
N ASP D 80 5.90 -12.14 8.73
CA ASP D 80 5.64 -11.28 9.88
C ASP D 80 5.68 -9.81 9.47
N VAL D 81 6.69 -9.42 8.69
CA VAL D 81 6.91 -8.02 8.37
C VAL D 81 5.87 -7.51 7.38
N LEU D 82 5.36 -8.39 6.53
CA LEU D 82 4.37 -8.01 5.52
C LEU D 82 2.93 -8.15 6.00
N ALA D 83 2.72 -8.75 7.17
CA ALA D 83 1.37 -9.11 7.60
C ALA D 83 0.60 -7.92 8.15
N GLU D 84 -0.73 -8.02 8.07
CA GLU D 84 -1.63 -6.98 8.56
C GLU D 84 -2.51 -7.48 9.70
N ASP D 85 -2.11 -8.57 10.35
CA ASP D 85 -2.88 -9.17 11.43
C ASP D 85 -2.24 -8.96 12.79
N TRP D 86 -1.50 -7.87 12.96
CA TRP D 86 -0.90 -7.57 14.25
C TRP D 86 -1.94 -7.01 15.20
N ASP D 87 -1.80 -7.35 16.48
CA ASP D 87 -2.71 -6.88 17.51
C ASP D 87 -1.94 -6.63 18.79
N ILE D 88 -2.57 -5.91 19.70
CA ILE D 88 -1.98 -5.55 20.98
C ILE D 88 -2.47 -6.51 22.04
N VAL D 89 -1.57 -6.94 22.93
CA VAL D 89 -1.96 -7.84 24.00
C VAL D 89 -2.91 -7.14 24.97
N LYS E 5 15.21 10.46 5.08
CA LYS E 5 15.19 9.40 6.09
C LYS E 5 13.78 8.91 6.37
N MET E 6 13.47 7.72 5.88
CA MET E 6 12.17 7.09 6.12
C MET E 6 12.28 6.08 7.25
N SER E 7 11.19 5.95 8.00
CA SER E 7 11.10 4.85 8.97
C SER E 7 10.95 3.53 8.22
N PHE E 8 11.20 2.44 8.94
CA PHE E 8 10.98 1.13 8.32
C PHE E 8 9.53 0.95 7.93
N GLY E 9 8.60 1.47 8.74
CA GLY E 9 7.19 1.36 8.40
C GLY E 9 6.86 2.00 7.08
N GLU E 10 7.43 3.19 6.83
CA GLU E 10 7.22 3.87 5.54
C GLU E 10 7.87 3.09 4.41
N ALA E 11 9.12 2.66 4.60
CA ALA E 11 9.81 1.87 3.58
C ALA E 11 9.06 0.57 3.29
N LEU E 12 8.48 -0.04 4.33
CA LEU E 12 7.75 -1.28 4.17
C LEU E 12 6.53 -1.09 3.28
N GLU E 13 5.74 -0.06 3.56
CA GLU E 13 4.56 0.20 2.74
C GLU E 13 4.94 0.44 1.29
N VAL E 14 6.04 1.15 1.07
CA VAL E 14 6.48 1.43 -0.28
C VAL E 14 6.96 0.15 -0.97
N LEU E 15 7.65 -0.72 -0.22
CA LEU E 15 8.05 -2.03 -0.75
C LEU E 15 6.83 -2.86 -1.15
N LYS E 16 5.79 -2.84 -0.31
CA LYS E 16 4.55 -3.53 -0.64
C LYS E 16 3.98 -3.06 -1.97
N GLN E 17 4.19 -1.80 -2.32
CA GLN E 17 3.60 -1.23 -3.52
C GLN E 17 4.56 -1.27 -4.71
N GLY E 18 5.62 -2.06 -4.62
CA GLY E 18 6.45 -2.37 -5.76
C GLY E 18 7.68 -1.52 -5.94
N MET E 19 8.00 -0.64 -5.00
CA MET E 19 9.21 0.15 -5.13
C MET E 19 10.40 -0.56 -4.49
N GLN E 20 11.59 -0.07 -4.80
CA GLN E 20 12.84 -0.60 -4.25
C GLN E 20 13.35 0.33 -3.16
N VAL E 21 13.81 -0.25 -2.04
CA VAL E 21 14.21 0.52 -0.89
C VAL E 21 15.58 0.05 -0.40
N TYR E 22 16.25 0.91 0.37
CA TYR E 22 17.56 0.60 0.90
C TYR E 22 17.81 1.44 2.14
N ARG E 23 18.81 1.04 2.92
CA ARG E 23 19.26 1.77 4.10
C ARG E 23 20.62 2.40 3.82
N SER E 24 20.77 3.68 4.15
CA SER E 24 22.09 4.29 4.05
C SER E 24 23.04 3.72 5.09
N GLY E 25 22.51 3.20 6.20
CA GLY E 25 23.34 2.61 7.24
C GLY E 25 23.91 1.25 6.92
N TRP E 26 23.46 0.62 5.84
CA TRP E 26 24.08 -0.62 5.40
C TRP E 26 25.56 -0.41 5.09
N ASN E 27 26.35 -1.46 5.25
CA ASN E 27 27.78 -1.33 4.97
C ASN E 27 28.06 -1.47 3.47
N GLY E 28 27.56 -2.54 2.86
CA GLY E 28 27.72 -2.71 1.43
C GLY E 28 26.99 -1.65 0.65
N LYS E 29 27.52 -1.35 -0.53
CA LYS E 29 27.01 -0.30 -1.40
C LYS E 29 26.10 -0.86 -2.50
N ASN E 30 25.23 0.01 -3.01
CA ASN E 30 24.41 -0.29 -4.19
C ASN E 30 23.44 -1.44 -3.98
N MET E 31 23.06 -1.70 -2.72
CA MET E 31 22.10 -2.76 -2.44
C MET E 31 20.69 -2.21 -2.35
N PHE E 32 19.69 -3.08 -2.55
CA PHE E 32 18.30 -2.67 -2.40
C PHE E 32 17.42 -3.90 -2.25
N LEU E 33 16.23 -3.68 -1.72
CA LEU E 33 15.21 -4.70 -1.56
C LEU E 33 14.16 -4.57 -2.67
N PHE E 34 13.56 -5.71 -3.02
CA PHE E 34 12.37 -5.68 -3.85
C PHE E 34 11.48 -6.87 -3.51
N LEU E 35 10.17 -6.66 -3.60
CA LEU E 35 9.18 -7.65 -3.21
C LEU E 35 8.61 -8.31 -4.46
N LYS E 36 8.46 -9.64 -4.39
CA LYS E 36 7.82 -10.43 -5.45
C LYS E 36 6.61 -11.14 -4.87
N SER E 37 5.47 -11.01 -5.53
CA SER E 37 4.24 -11.62 -5.05
C SER E 37 4.17 -13.10 -5.45
N SER E 38 3.25 -13.81 -4.80
CA SER E 38 3.03 -15.23 -5.13
C SER E 38 2.83 -15.44 -6.62
N ASP E 39 2.01 -14.60 -7.25
CA ASP E 39 1.75 -14.74 -8.69
C ASP E 39 3.04 -14.55 -9.49
N ALA E 40 3.81 -13.51 -9.18
CA ALA E 40 5.06 -13.29 -9.88
C ALA E 40 6.00 -14.48 -9.74
N LEU E 41 6.11 -15.02 -8.53
CA LEU E 41 7.05 -16.12 -8.27
C LEU E 41 6.59 -17.42 -8.92
N ALA E 42 5.27 -17.65 -9.02
CA ALA E 42 4.77 -18.83 -9.70
C ALA E 42 5.26 -18.87 -11.14
N SER E 43 5.40 -17.71 -11.78
CA SER E 43 5.91 -17.63 -13.14
C SER E 43 7.44 -17.65 -13.18
N ASP E 44 8.09 -16.85 -12.33
CA ASP E 44 9.53 -16.65 -12.45
C ASP E 44 10.30 -17.91 -12.12
N PHE E 45 9.96 -18.56 -11.01
CA PHE E 45 10.70 -19.74 -10.56
C PHE E 45 10.23 -20.93 -11.38
N GLY E 46 11.06 -21.37 -12.32
CA GLY E 46 10.74 -22.52 -13.13
C GLY E 46 11.16 -23.84 -12.54
N PHE E 47 12.02 -23.82 -11.52
CA PHE E 47 12.47 -25.08 -10.93
C PHE E 47 11.29 -25.78 -10.26
N GLY E 48 11.08 -27.04 -10.64
CA GLY E 48 9.91 -27.78 -10.21
C GLY E 48 9.93 -28.12 -8.73
N PHE E 49 8.92 -28.86 -8.33
CA PHE E 49 8.78 -29.32 -6.95
C PHE E 49 8.23 -30.74 -6.90
N PRO E 56 4.68 -25.35 -5.73
CA PRO E 56 3.40 -25.05 -6.38
C PRO E 56 2.89 -23.65 -6.07
N VAL E 57 2.78 -23.30 -4.78
CA VAL E 57 2.26 -22.00 -4.37
C VAL E 57 3.30 -21.32 -3.50
N PHE E 58 3.81 -20.19 -3.97
CA PHE E 58 4.78 -19.39 -3.23
C PHE E 58 4.05 -18.39 -2.34
N GLY E 59 4.70 -18.01 -1.24
CA GLY E 59 4.31 -16.81 -0.52
C GLY E 59 5.00 -15.61 -1.13
N ASN E 60 4.73 -14.44 -0.54
CA ASN E 60 5.49 -13.26 -0.93
C ASN E 60 6.91 -13.38 -0.42
N ILE E 61 7.88 -13.05 -1.27
CA ILE E 61 9.28 -13.15 -0.89
C ILE E 61 9.96 -11.81 -1.19
N ILE E 62 10.68 -11.29 -0.19
CA ILE E 62 11.49 -10.09 -0.37
C ILE E 62 12.91 -10.51 -0.71
N PHE E 63 13.46 -9.93 -1.76
CA PHE E 63 14.83 -10.21 -2.16
C PHE E 63 15.71 -9.01 -1.89
N ILE E 64 16.99 -9.27 -1.65
CA ILE E 64 18.00 -8.22 -1.58
C ILE E 64 19.01 -8.42 -2.70
N LYS E 65 19.18 -7.39 -3.54
CA LYS E 65 20.26 -7.35 -4.51
C LYS E 65 21.51 -6.88 -3.78
N THR E 66 22.50 -7.74 -3.67
CA THR E 66 23.60 -7.49 -2.75
C THR E 66 24.75 -6.78 -3.44
N ALA E 67 25.81 -6.53 -2.67
CA ALA E 67 26.93 -5.74 -3.17
C ALA E 67 27.62 -6.42 -4.36
N ASP E 68 27.61 -7.74 -4.40
CA ASP E 68 28.18 -8.49 -5.52
C ASP E 68 27.19 -8.70 -6.67
N ASN E 69 26.07 -7.99 -6.64
CA ASN E 69 25.02 -8.05 -7.67
C ASN E 69 24.33 -9.39 -7.74
N LYS E 70 24.43 -10.21 -6.71
CA LYS E 70 23.65 -11.43 -6.63
C LYS E 70 22.29 -11.16 -5.99
N ILE E 71 21.38 -12.09 -6.19
CA ILE E 71 20.02 -12.00 -5.65
C ILE E 71 19.89 -12.96 -4.48
N HIS E 72 19.57 -12.43 -3.30
CA HIS E 72 19.42 -13.23 -2.09
C HIS E 72 18.04 -13.00 -1.48
N ALA E 73 17.63 -13.93 -0.62
CA ALA E 73 16.46 -13.69 0.21
C ALA E 73 16.82 -12.73 1.33
N TRP E 74 16.00 -11.69 1.51
CA TRP E 74 16.29 -10.68 2.54
C TRP E 74 15.80 -11.16 3.89
N VAL E 75 16.69 -11.21 4.86
CA VAL E 75 16.34 -11.52 6.23
C VAL E 75 16.15 -10.20 6.97
N PRO E 76 14.97 -9.95 7.56
CA PRO E 76 14.75 -8.67 8.26
C PRO E 76 15.49 -8.61 9.59
N SER E 77 16.64 -7.95 9.61
CA SER E 77 17.37 -7.85 10.87
C SER E 77 16.69 -6.85 11.80
N GLN E 78 16.96 -7.00 13.11
CA GLN E 78 16.42 -6.05 14.07
C GLN E 78 16.95 -4.64 13.80
N THR E 79 18.23 -4.54 13.42
CA THR E 79 18.80 -3.25 13.04
C THR E 79 18.01 -2.62 11.90
N ASP E 80 17.71 -3.40 10.86
CA ASP E 80 16.95 -2.90 9.70
C ASP E 80 15.56 -2.43 10.11
N VAL E 81 14.86 -3.26 10.88
CA VAL E 81 13.47 -3.00 11.24
C VAL E 81 13.36 -1.83 12.19
N LEU E 82 14.36 -1.60 13.03
CA LEU E 82 14.32 -0.48 13.98
C LEU E 82 14.90 0.80 13.41
N ALA E 83 15.47 0.77 12.21
CA ALA E 83 16.18 1.92 11.69
C ALA E 83 15.24 2.93 11.06
N GLU E 84 15.72 4.16 10.93
CA GLU E 84 14.97 5.23 10.29
C GLU E 84 15.82 5.91 9.22
N ASP E 85 16.70 5.15 8.57
CA ASP E 85 17.56 5.66 7.51
C ASP E 85 17.23 5.04 6.16
N TRP E 86 15.95 4.71 5.94
CA TRP E 86 15.54 4.10 4.69
C TRP E 86 15.29 5.17 3.62
N ASP E 87 15.48 4.76 2.36
CA ASP E 87 15.15 5.63 1.24
C ASP E 87 14.74 4.77 0.06
N ILE E 88 14.17 5.42 -0.95
CA ILE E 88 13.70 4.76 -2.15
C ILE E 88 14.75 4.90 -3.23
N VAL E 89 14.97 3.84 -4.00
CA VAL E 89 15.91 3.88 -5.11
C VAL E 89 15.41 4.86 -6.16
N MET F 6 -12.97 -7.69 -2.04
CA MET F 6 -12.01 -7.16 -3.02
C MET F 6 -11.81 -5.66 -2.80
N SER F 7 -10.56 -5.21 -2.79
CA SER F 7 -10.25 -3.80 -2.69
C SER F 7 -10.51 -3.13 -4.04
N PHE F 8 -10.51 -1.78 -4.03
CA PHE F 8 -10.69 -1.06 -5.27
C PHE F 8 -9.51 -1.27 -6.21
N GLY F 9 -8.29 -1.35 -5.66
CA GLY F 9 -7.14 -1.63 -6.50
C GLY F 9 -7.27 -2.96 -7.22
N GLU F 10 -7.84 -3.95 -6.54
CA GLU F 10 -8.07 -5.23 -7.20
C GLU F 10 -9.20 -5.13 -8.23
N ALA F 11 -10.26 -4.40 -7.89
CA ALA F 11 -11.32 -4.19 -8.87
C ALA F 11 -10.82 -3.42 -10.08
N LEU F 12 -9.89 -2.48 -9.87
CA LEU F 12 -9.30 -1.75 -10.98
C LEU F 12 -8.57 -2.68 -11.94
N GLU F 13 -7.83 -3.65 -11.40
CA GLU F 13 -7.09 -4.57 -12.26
C GLU F 13 -8.04 -5.43 -13.09
N VAL F 14 -9.17 -5.82 -12.51
CA VAL F 14 -10.16 -6.61 -13.24
C VAL F 14 -10.84 -5.75 -14.30
N LEU F 15 -11.17 -4.50 -13.95
CA LEU F 15 -11.75 -3.57 -14.91
C LEU F 15 -10.84 -3.36 -16.12
N LYS F 16 -9.53 -3.28 -15.88
CA LYS F 16 -8.60 -3.09 -16.99
C LYS F 16 -8.46 -4.32 -17.86
N GLN F 17 -8.98 -5.46 -17.42
CA GLN F 17 -9.01 -6.68 -18.22
C GLN F 17 -10.33 -6.87 -18.97
N GLY F 18 -11.21 -5.86 -18.93
CA GLY F 18 -12.44 -5.90 -19.69
C GLY F 18 -13.65 -6.45 -18.96
N MET F 19 -13.51 -6.80 -17.70
CA MET F 19 -14.63 -7.37 -16.96
C MET F 19 -15.39 -6.27 -16.22
N GLN F 20 -16.51 -6.66 -15.62
CA GLN F 20 -17.40 -5.74 -14.94
C GLN F 20 -17.30 -5.95 -13.43
N VAL F 21 -17.34 -4.85 -12.67
CA VAL F 21 -17.20 -4.91 -11.22
C VAL F 21 -18.28 -4.06 -10.57
N TYR F 22 -18.56 -4.36 -9.31
CA TYR F 22 -19.60 -3.68 -8.55
C TYR F 22 -19.26 -3.73 -7.06
N ARG F 23 -19.99 -2.94 -6.27
CA ARG F 23 -19.88 -2.92 -4.83
C ARG F 23 -21.18 -3.43 -4.21
N SER F 24 -21.07 -4.34 -3.24
CA SER F 24 -22.28 -4.77 -2.54
C SER F 24 -22.87 -3.64 -1.70
N GLY F 25 -22.03 -2.69 -1.26
CA GLY F 25 -22.50 -1.58 -0.44
C GLY F 25 -23.28 -0.53 -1.20
N TRP F 26 -23.29 -0.59 -2.52
CA TRP F 26 -24.11 0.32 -3.31
C TRP F 26 -25.59 0.16 -2.94
N ASN F 27 -26.34 1.27 -3.02
CA ASN F 27 -27.76 1.21 -2.72
C ASN F 27 -28.54 0.62 -3.90
N GLY F 28 -28.30 1.12 -5.10
CA GLY F 28 -29.00 0.63 -6.26
C GLY F 28 -28.59 -0.80 -6.58
N LYS F 29 -29.52 -1.53 -7.19
CA LYS F 29 -29.35 -2.96 -7.45
C LYS F 29 -28.94 -3.21 -8.90
N ASN F 30 -28.17 -4.28 -9.09
CA ASN F 30 -27.79 -4.77 -10.42
C ASN F 30 -27.00 -3.74 -11.23
N MET F 31 -26.20 -2.93 -10.56
CA MET F 31 -25.34 -1.96 -11.20
C MET F 31 -23.92 -2.53 -11.35
N PHE F 32 -23.16 -1.95 -12.28
CA PHE F 32 -21.78 -2.37 -12.45
C PHE F 32 -21.04 -1.34 -13.30
N LEU F 33 -19.72 -1.41 -13.23
CA LEU F 33 -18.84 -0.57 -14.03
C LEU F 33 -18.30 -1.37 -15.21
N PHE F 34 -18.00 -0.66 -16.29
CA PHE F 34 -17.26 -1.25 -17.39
C PHE F 34 -16.44 -0.16 -18.05
N LEU F 35 -15.31 -0.56 -18.63
CA LEU F 35 -14.31 0.36 -19.16
C LEU F 35 -14.27 0.28 -20.69
N LYS F 36 -14.31 1.44 -21.34
CA LYS F 36 -14.12 1.56 -22.78
C LYS F 36 -12.80 2.28 -23.06
N SER F 37 -11.97 1.69 -23.90
CA SER F 37 -10.68 2.27 -24.23
C SER F 37 -10.84 3.36 -25.28
N SER F 38 -9.78 4.16 -25.42
CA SER F 38 -9.75 5.20 -26.45
C SER F 38 -10.01 4.62 -27.83
N ASP F 39 -9.31 3.54 -28.17
CA ASP F 39 -9.47 2.93 -29.48
C ASP F 39 -10.87 2.39 -29.67
N ALA F 40 -11.46 1.81 -28.62
CA ALA F 40 -12.81 1.27 -28.73
C ALA F 40 -13.83 2.37 -29.03
N LEU F 41 -13.62 3.56 -28.49
CA LEU F 41 -14.54 4.68 -28.68
C LEU F 41 -14.27 5.47 -29.96
N ALA F 42 -13.17 5.17 -30.67
CA ALA F 42 -12.80 5.95 -31.85
C ALA F 42 -13.91 5.92 -32.90
N SER F 43 -14.11 7.04 -33.59
CA SER F 43 -15.23 7.19 -34.51
C SER F 43 -14.80 7.96 -35.75
N ASP F 44 -15.38 7.61 -36.90
CA ASP F 44 -15.18 8.35 -38.14
C ASP F 44 -16.46 9.06 -38.59
N PHE F 45 -17.43 9.22 -37.69
CA PHE F 45 -18.73 9.75 -38.08
C PHE F 45 -18.63 11.13 -38.70
N GLY F 46 -17.72 11.96 -38.21
CA GLY F 46 -17.64 13.33 -38.67
C GLY F 46 -16.76 13.59 -39.87
N PHE F 47 -15.90 12.65 -40.24
CA PHE F 47 -15.01 12.86 -41.37
C PHE F 47 -15.80 13.01 -42.67
N GLY F 48 -15.17 13.65 -43.64
CA GLY F 48 -15.80 13.88 -44.94
C GLY F 48 -16.58 15.19 -45.05
N PHE F 49 -17.44 15.47 -44.08
CA PHE F 49 -18.19 16.72 -44.08
C PHE F 49 -17.26 17.92 -43.89
N GLY F 50 -16.15 17.75 -43.19
CA GLY F 50 -15.22 18.83 -43.01
C GLY F 50 -13.89 18.27 -42.54
N GLU F 51 -12.92 19.17 -42.39
CA GLU F 51 -11.60 18.83 -41.92
C GLU F 51 -11.40 19.32 -40.50
N TYR F 52 -10.78 18.48 -39.67
CA TYR F 52 -10.63 18.75 -38.26
C TYR F 52 -9.36 19.55 -37.98
N ILE F 53 -9.46 20.47 -37.02
CA ILE F 53 -8.26 21.06 -36.43
C ILE F 53 -7.67 20.11 -35.40
N ASN F 54 -8.54 19.42 -34.66
CA ASN F 54 -8.14 18.37 -33.72
C ASN F 54 -9.13 17.23 -33.88
N GLU F 55 -8.67 16.11 -34.43
CA GLU F 55 -9.55 14.97 -34.63
C GLU F 55 -10.08 14.47 -33.29
N PRO F 56 -11.32 13.97 -33.26
CA PRO F 56 -11.90 13.50 -31.99
C PRO F 56 -11.17 12.29 -31.44
N VAL F 57 -10.44 12.48 -30.34
CA VAL F 57 -9.74 11.40 -29.65
C VAL F 57 -10.30 11.32 -28.23
N PHE F 58 -10.85 10.17 -27.88
CA PHE F 58 -11.38 9.98 -26.54
C PHE F 58 -10.28 9.47 -25.61
N GLY F 59 -10.38 9.84 -24.33
CA GLY F 59 -9.64 9.15 -23.31
C GLY F 59 -10.33 7.84 -22.95
N ASN F 60 -9.71 7.09 -22.05
CA ASN F 60 -10.41 5.96 -21.45
C ASN F 60 -11.59 6.48 -20.65
N ILE F 61 -12.76 5.85 -20.80
CA ILE F 61 -13.94 6.27 -20.07
C ILE F 61 -14.51 5.07 -19.32
N ILE F 62 -14.78 5.25 -18.03
CA ILE F 62 -15.46 4.24 -17.23
C ILE F 62 -16.94 4.60 -17.17
N PHE F 63 -17.79 3.64 -17.51
CA PHE F 63 -19.23 3.82 -17.43
C PHE F 63 -19.79 3.02 -16.26
N ILE F 64 -20.92 3.47 -15.74
CA ILE F 64 -21.69 2.69 -14.78
C ILE F 64 -23.06 2.43 -15.39
N LYS F 65 -23.43 1.15 -15.46
CA LYS F 65 -24.79 0.75 -15.79
C LYS F 65 -25.61 0.86 -14.51
N THR F 66 -26.56 1.79 -14.48
CA THR F 66 -27.18 2.19 -13.22
C THR F 66 -28.45 1.37 -12.93
N ALA F 67 -29.05 1.64 -11.77
CA ALA F 67 -30.18 0.83 -11.31
C ALA F 67 -31.40 0.96 -12.19
N ASP F 68 -31.54 2.09 -12.90
CA ASP F 68 -32.63 2.30 -13.84
C ASP F 68 -32.28 1.84 -15.26
N ASN F 69 -31.25 1.00 -15.40
CA ASN F 69 -30.82 0.46 -16.68
C ASN F 69 -30.53 1.57 -17.68
N LYS F 70 -29.73 2.55 -17.25
CA LYS F 70 -29.13 3.52 -18.15
C LYS F 70 -27.63 3.40 -18.04
N ILE F 71 -26.93 4.04 -18.98
CA ILE F 71 -25.48 4.05 -19.02
C ILE F 71 -25.01 5.47 -18.73
N HIS F 72 -24.29 5.64 -17.62
CA HIS F 72 -23.81 6.94 -17.18
C HIS F 72 -22.29 6.93 -17.12
N ALA F 73 -21.69 8.11 -17.12
CA ALA F 73 -20.28 8.22 -16.75
C ALA F 73 -20.12 7.95 -15.26
N TRP F 74 -19.16 7.12 -14.89
CA TRP F 74 -18.91 6.78 -13.49
C TRP F 74 -18.00 7.81 -12.85
N VAL F 75 -18.50 8.50 -11.85
CA VAL F 75 -17.68 9.40 -11.04
C VAL F 75 -17.15 8.61 -9.84
N PRO F 76 -15.84 8.45 -9.70
CA PRO F 76 -15.31 7.66 -8.58
C PRO F 76 -15.53 8.36 -7.24
N SER F 77 -16.41 7.82 -6.40
CA SER F 77 -16.60 8.46 -5.11
C SER F 77 -15.50 8.04 -4.13
N GLN F 78 -15.28 8.89 -3.11
CA GLN F 78 -14.34 8.53 -2.07
C GLN F 78 -14.76 7.23 -1.38
N THR F 79 -16.05 7.08 -1.11
CA THR F 79 -16.54 5.81 -0.58
C THR F 79 -16.17 4.65 -1.48
N ASP F 80 -16.39 4.80 -2.79
CA ASP F 80 -16.07 3.74 -3.74
C ASP F 80 -14.60 3.35 -3.68
N VAL F 81 -13.70 4.32 -3.83
CA VAL F 81 -12.28 3.97 -3.96
C VAL F 81 -11.69 3.50 -2.63
N LEU F 82 -12.28 3.87 -1.51
CA LEU F 82 -11.80 3.40 -0.21
C LEU F 82 -12.43 2.08 0.23
N ALA F 83 -13.44 1.59 -0.48
CA ALA F 83 -14.19 0.43 -0.02
C ALA F 83 -13.49 -0.88 -0.34
N GLU F 84 -13.84 -1.92 0.43
CA GLU F 84 -13.28 -3.25 0.28
C GLU F 84 -14.38 -4.28 0.03
N ASP F 85 -15.47 -3.87 -0.60
CA ASP F 85 -16.61 -4.73 -0.86
C ASP F 85 -16.85 -4.92 -2.36
N TRP F 86 -15.79 -4.85 -3.16
CA TRP F 86 -15.92 -5.00 -4.60
C TRP F 86 -16.01 -6.47 -4.97
N ASP F 87 -16.63 -6.74 -6.12
CA ASP F 87 -16.74 -8.11 -6.62
C ASP F 87 -16.93 -8.04 -8.12
N ILE F 88 -16.72 -9.18 -8.77
CA ILE F 88 -16.82 -9.30 -10.23
C ILE F 88 -18.21 -9.79 -10.59
N VAL F 89 -18.77 -9.24 -11.67
CA VAL F 89 -20.07 -9.68 -12.14
C VAL F 89 -19.95 -11.08 -12.74
N LYS G 5 5.18 5.43 -11.29
CA LYS G 5 5.64 4.14 -10.76
C LYS G 5 4.47 3.30 -10.22
N MET G 6 3.55 3.94 -9.49
CA MET G 6 2.49 3.22 -8.81
C MET G 6 1.16 3.36 -9.53
N SER G 7 0.36 2.29 -9.46
CA SER G 7 -1.03 2.37 -9.82
C SER G 7 -1.81 3.08 -8.73
N PHE G 8 -3.08 3.39 -9.03
CA PHE G 8 -3.91 4.09 -8.06
C PHE G 8 -4.19 3.22 -6.84
N GLY G 9 -4.39 1.92 -7.04
CA GLY G 9 -4.61 1.05 -5.91
C GLY G 9 -3.42 1.02 -4.97
N GLU G 10 -2.21 1.04 -5.54
CA GLU G 10 -1.00 1.11 -4.73
C GLU G 10 -0.89 2.46 -4.02
N ALA G 11 -1.22 3.55 -4.71
CA ALA G 11 -1.19 4.86 -4.08
C ALA G 11 -2.17 4.96 -2.93
N LEU G 12 -3.31 4.29 -3.03
CA LEU G 12 -4.28 4.31 -1.94
C LEU G 12 -3.71 3.66 -0.68
N GLU G 13 -2.91 2.61 -0.84
CA GLU G 13 -2.30 1.98 0.34
C GLU G 13 -1.28 2.90 0.99
N VAL G 14 -0.51 3.62 0.18
CA VAL G 14 0.43 4.62 0.70
C VAL G 14 -0.32 5.70 1.47
N LEU G 15 -1.48 6.11 0.97
CA LEU G 15 -2.27 7.11 1.67
C LEU G 15 -2.80 6.60 2.99
N LYS G 16 -3.28 5.35 3.01
CA LYS G 16 -3.82 4.79 4.25
C LYS G 16 -2.76 4.63 5.33
N GLN G 17 -1.49 4.60 4.96
CA GLN G 17 -0.42 4.51 5.95
C GLN G 17 0.06 5.86 6.44
N GLY G 18 -0.49 6.96 5.91
CA GLY G 18 -0.14 8.29 6.37
C GLY G 18 0.83 9.05 5.49
N MET G 19 1.21 8.50 4.34
CA MET G 19 2.11 9.20 3.44
C MET G 19 1.32 9.98 2.40
N GLN G 20 2.04 10.81 1.65
CA GLN G 20 1.45 11.73 0.69
C GLN G 20 1.84 11.30 -0.73
N VAL G 21 0.91 11.45 -1.67
CA VAL G 21 1.10 10.98 -3.03
C VAL G 21 0.67 12.07 -4.02
N TYR G 22 1.13 11.92 -5.27
CA TYR G 22 0.78 12.81 -6.35
C TYR G 22 0.96 12.07 -7.67
N ARG G 23 0.40 12.62 -8.74
CA ARG G 23 0.59 12.12 -10.08
C ARG G 23 1.56 13.00 -10.84
N SER G 24 2.57 12.41 -11.46
CA SER G 24 3.47 13.19 -12.29
C SER G 24 2.76 13.80 -13.50
N GLY G 25 1.67 13.20 -13.94
CA GLY G 25 0.92 13.68 -15.09
C GLY G 25 -0.08 14.80 -14.82
N TRP G 26 -0.25 15.21 -13.56
CA TRP G 26 -1.10 16.35 -13.27
C TRP G 26 -0.59 17.61 -13.97
N ASN G 27 -1.52 18.49 -14.33
CA ASN G 27 -1.13 19.78 -14.89
C ASN G 27 -0.52 20.68 -13.82
N GLY G 28 -1.16 20.75 -12.66
CA GLY G 28 -0.67 21.61 -11.60
C GLY G 28 0.54 21.04 -10.89
N LYS G 29 1.39 21.93 -10.39
CA LYS G 29 2.57 21.55 -9.63
C LYS G 29 2.36 21.82 -8.15
N ASN G 30 3.20 21.19 -7.33
CA ASN G 30 3.22 21.36 -5.88
C ASN G 30 1.98 20.81 -5.20
N MET G 31 1.21 19.96 -5.88
CA MET G 31 0.01 19.38 -5.31
C MET G 31 0.28 17.99 -4.76
N PHE G 32 -0.55 17.57 -3.81
CA PHE G 32 -0.46 16.21 -3.29
C PHE G 32 -1.75 15.85 -2.57
N LEU G 33 -1.93 14.54 -2.36
CA LEU G 33 -3.04 14.01 -1.58
C LEU G 33 -2.53 13.54 -0.23
N PHE G 34 -3.41 13.61 0.77
CA PHE G 34 -3.15 12.98 2.06
C PHE G 34 -4.47 12.56 2.65
N LEU G 35 -4.42 11.61 3.57
CA LEU G 35 -5.61 10.96 4.09
C LEU G 35 -5.70 11.14 5.60
N LYS G 36 -6.89 11.45 6.08
CA LYS G 36 -7.17 11.57 7.51
C LYS G 36 -8.52 10.96 7.80
N SER G 37 -8.76 10.64 9.07
CA SER G 37 -10.07 10.17 9.49
C SER G 37 -11.04 11.35 9.60
N SER G 38 -12.28 11.13 9.18
CA SER G 38 -13.32 12.13 9.38
C SER G 38 -13.81 12.22 10.82
N ASP G 39 -13.32 11.35 11.72
CA ASP G 39 -13.80 11.39 13.09
C ASP G 39 -13.44 12.67 13.82
N ALA G 40 -12.61 13.54 13.21
CA ALA G 40 -12.37 14.86 13.76
C ALA G 40 -13.63 15.72 13.80
N LEU G 41 -14.64 15.36 13.00
CA LEU G 41 -15.92 16.07 13.02
C LEU G 41 -16.71 15.77 14.29
N ALA G 42 -16.40 14.68 14.99
CA ALA G 42 -17.11 14.34 16.21
C ALA G 42 -16.88 15.35 17.33
N SER G 43 -15.92 16.26 17.17
CA SER G 43 -15.67 17.30 18.15
C SER G 43 -16.82 18.32 18.19
N PRO G 56 -22.57 8.01 14.29
CA PRO G 56 -22.33 7.57 12.90
C PRO G 56 -20.93 7.02 12.69
N VAL G 57 -20.76 6.19 11.65
CA VAL G 57 -19.47 5.62 11.32
C VAL G 57 -18.69 6.63 10.49
N PHE G 58 -17.53 7.05 10.98
CA PHE G 58 -16.73 8.07 10.32
C PHE G 58 -15.71 7.40 9.41
N GLY G 59 -15.84 7.61 8.10
CA GLY G 59 -14.87 7.07 7.17
C GLY G 59 -13.65 7.96 7.02
N ASN G 60 -12.65 7.44 6.33
CA ASN G 60 -11.49 8.26 6.00
C ASN G 60 -11.85 9.26 4.92
N ILE G 61 -11.06 10.34 4.87
CA ILE G 61 -11.20 11.40 3.87
C ILE G 61 -9.87 11.56 3.16
N ILE G 62 -9.92 11.66 1.84
CA ILE G 62 -8.75 12.01 1.03
C ILE G 62 -8.81 13.51 0.75
N PHE G 63 -7.82 14.25 1.25
CA PHE G 63 -7.69 15.67 0.95
C PHE G 63 -6.70 15.87 -0.19
N ILE G 64 -6.88 16.95 -0.93
CA ILE G 64 -5.88 17.42 -1.87
C ILE G 64 -5.39 18.77 -1.39
N LYS G 65 -4.07 18.93 -1.34
CA LYS G 65 -3.44 20.23 -1.18
C LYS G 65 -3.26 20.80 -2.58
N THR G 66 -4.05 21.82 -2.90
CA THR G 66 -4.19 22.25 -4.29
C THR G 66 -3.03 23.14 -4.70
N ALA G 67 -2.98 23.44 -6.01
CA ALA G 67 -1.89 24.24 -6.55
C ALA G 67 -1.94 25.69 -6.05
N ASP G 68 -3.11 26.19 -5.66
CA ASP G 68 -3.21 27.51 -5.08
C ASP G 68 -3.17 27.49 -3.55
N ASN G 69 -2.60 26.43 -2.96
CA ASN G 69 -2.34 26.34 -1.52
C ASN G 69 -3.63 26.26 -0.69
N LYS G 70 -4.58 25.45 -1.15
CA LYS G 70 -5.81 25.19 -0.41
C LYS G 70 -5.92 23.71 -0.10
N ILE G 71 -6.77 23.40 0.88
CA ILE G 71 -7.05 22.02 1.27
C ILE G 71 -8.52 21.74 0.99
N HIS G 72 -8.78 20.86 0.03
CA HIS G 72 -10.14 20.46 -0.31
C HIS G 72 -10.27 18.95 -0.20
N ALA G 73 -11.52 18.49 -0.14
CA ALA G 73 -11.79 17.08 -0.32
C ALA G 73 -11.54 16.72 -1.78
N TRP G 74 -10.76 15.66 -2.01
CA TRP G 74 -10.33 15.33 -3.36
C TRP G 74 -11.39 14.52 -4.09
N VAL G 75 -11.53 14.78 -5.38
CA VAL G 75 -12.42 14.03 -6.24
C VAL G 75 -11.57 13.43 -7.37
N PRO G 76 -11.51 12.10 -7.49
CA PRO G 76 -10.66 11.49 -8.53
C PRO G 76 -11.31 11.62 -9.91
N SER G 77 -10.51 12.03 -10.89
CA SER G 77 -10.95 11.85 -12.26
C SER G 77 -10.76 10.39 -12.65
N GLN G 78 -11.40 9.99 -13.75
CA GLN G 78 -11.21 8.63 -14.23
C GLN G 78 -9.77 8.40 -14.69
N THR G 79 -9.13 9.44 -15.23
CA THR G 79 -7.72 9.32 -15.59
C THR G 79 -6.86 9.10 -14.35
N ASP G 80 -7.16 9.81 -13.25
CA ASP G 80 -6.44 9.61 -11.99
C ASP G 80 -6.50 8.16 -11.55
N VAL G 81 -7.69 7.57 -11.63
CA VAL G 81 -7.92 6.23 -11.12
C VAL G 81 -7.27 5.18 -11.99
N LEU G 82 -7.17 5.42 -13.29
CA LEU G 82 -6.57 4.47 -14.22
C LEU G 82 -5.07 4.64 -14.37
N ALA G 83 -4.50 5.73 -13.86
CA ALA G 83 -3.12 6.08 -14.15
C ALA G 83 -2.13 5.22 -13.37
N GLU G 84 -0.95 5.07 -13.95
CA GLU G 84 0.15 4.32 -13.34
C GLU G 84 1.35 5.23 -13.14
N ASP G 85 1.11 6.52 -12.91
CA ASP G 85 2.18 7.49 -12.73
C ASP G 85 2.15 8.11 -11.33
N TRP G 86 1.62 7.37 -10.35
CA TRP G 86 1.57 7.85 -8.98
C TRP G 86 2.94 7.72 -8.31
N ASP G 87 3.28 8.70 -7.47
CA ASP G 87 4.55 8.69 -6.75
C ASP G 87 4.34 9.25 -5.35
N ILE G 88 5.39 9.19 -4.54
CA ILE G 88 5.33 9.63 -3.15
C ILE G 88 6.07 10.95 -3.02
N VAL G 89 5.48 11.88 -2.25
CA VAL G 89 6.14 13.14 -1.94
C VAL G 89 7.38 12.86 -1.11
N SER G 90 8.52 13.39 -1.55
CA SER G 90 9.77 13.19 -0.82
C SER G 90 9.83 14.04 0.44
N MET H 6 -18.72 33.82 -12.95
CA MET H 6 -19.93 33.04 -12.72
C MET H 6 -19.73 32.00 -11.61
N SER H 7 -20.79 31.77 -10.84
CA SER H 7 -20.85 30.65 -9.91
C SER H 7 -21.06 29.35 -10.68
N PHE H 8 -20.77 28.23 -10.02
CA PHE H 8 -21.03 26.94 -10.67
C PHE H 8 -22.50 26.77 -10.99
N GLY H 9 -23.38 27.25 -10.12
CA GLY H 9 -24.79 27.15 -10.39
C GLY H 9 -25.19 27.86 -11.68
N GLU H 10 -24.59 29.03 -11.92
CA GLU H 10 -24.85 29.76 -13.15
C GLU H 10 -24.24 29.05 -14.35
N ALA H 11 -22.99 28.59 -14.23
CA ALA H 11 -22.36 27.85 -15.32
C ALA H 11 -23.14 26.58 -15.64
N LEU H 12 -23.64 25.90 -14.61
CA LEU H 12 -24.43 24.69 -14.82
C LEU H 12 -25.64 24.96 -15.70
N GLU H 13 -26.33 26.07 -15.46
CA GLU H 13 -27.56 26.35 -16.22
C GLU H 13 -27.25 26.62 -17.69
N VAL H 14 -26.17 27.33 -17.99
CA VAL H 14 -25.87 27.53 -19.41
C VAL H 14 -25.27 26.27 -20.02
N LEU H 15 -24.54 25.47 -19.23
CA LEU H 15 -24.13 24.15 -19.71
C LEU H 15 -25.33 23.32 -20.12
N LYS H 16 -26.40 23.36 -19.33
CA LYS H 16 -27.61 22.60 -19.67
C LYS H 16 -28.23 23.05 -20.99
N GLN H 17 -27.99 24.29 -21.39
CA GLN H 17 -28.56 24.84 -22.61
C GLN H 17 -27.61 24.75 -23.80
N GLY H 18 -26.54 23.96 -23.68
CA GLY H 18 -25.69 23.67 -24.81
C GLY H 18 -24.43 24.51 -24.90
N MET H 19 -24.16 25.36 -23.92
CA MET H 19 -22.97 26.21 -23.98
C MET H 19 -21.77 25.50 -23.36
N GLN H 20 -20.59 25.99 -23.69
CA GLN H 20 -19.33 25.45 -23.19
C GLN H 20 -18.80 26.36 -22.09
N VAL H 21 -18.36 25.78 -20.98
CA VAL H 21 -17.93 26.57 -19.83
C VAL H 21 -16.58 26.06 -19.33
N TYR H 22 -15.90 26.92 -18.57
CA TYR H 22 -14.58 26.59 -18.06
C TYR H 22 -14.30 27.41 -16.81
N ARG H 23 -13.29 26.99 -16.05
CA ARG H 23 -12.83 27.70 -14.86
C ARG H 23 -11.46 28.33 -15.13
N SER H 24 -11.30 29.60 -14.74
CA SER H 24 -9.98 30.21 -14.85
C SER H 24 -9.00 29.58 -13.86
N GLY H 25 -9.51 29.06 -12.76
CA GLY H 25 -8.68 28.42 -11.75
C GLY H 25 -8.15 27.05 -12.09
N TRP H 26 -8.61 26.47 -13.20
CA TRP H 26 -8.03 25.22 -13.66
C TRP H 26 -6.56 25.41 -14.01
N ASN H 27 -5.78 24.34 -13.83
CA ASN H 27 -4.35 24.42 -14.14
C ASN H 27 -4.09 24.29 -15.64
N GLY H 28 -4.61 23.25 -16.26
CA GLY H 28 -4.44 23.10 -17.71
C GLY H 28 -5.17 24.17 -18.49
N LYS H 29 -4.65 24.46 -19.68
CA LYS H 29 -5.14 25.56 -20.51
C LYS H 29 -6.06 25.06 -21.61
N ASN H 30 -6.95 25.94 -22.07
CA ASN H 30 -7.82 25.72 -23.22
C ASN H 30 -8.77 24.53 -23.01
N MET H 31 -9.14 24.24 -21.78
CA MET H 31 -10.09 23.18 -21.47
C MET H 31 -11.50 23.75 -21.33
N PHE H 32 -12.50 22.89 -21.55
CA PHE H 32 -13.89 23.31 -21.36
C PHE H 32 -14.79 22.09 -21.20
N LEU H 33 -15.95 22.33 -20.60
CA LEU H 33 -17.00 21.33 -20.47
C LEU H 33 -18.03 21.48 -21.57
N PHE H 34 -18.62 20.35 -21.98
CA PHE H 34 -19.78 20.39 -22.86
C PHE H 34 -20.68 19.21 -22.53
N LEU H 35 -21.98 19.42 -22.64
CA LEU H 35 -22.97 18.43 -22.28
C LEU H 35 -23.49 17.72 -23.53
N LYS H 36 -23.62 16.40 -23.43
CA LYS H 36 -24.22 15.58 -24.48
C LYS H 36 -25.48 14.94 -23.92
N SER H 37 -26.59 15.10 -24.64
CA SER H 37 -27.87 14.58 -24.17
C SER H 37 -27.96 13.07 -24.39
N SER H 38 -28.85 12.44 -23.61
CA SER H 38 -29.18 11.04 -23.81
C SER H 38 -29.55 10.75 -25.26
N ASP H 39 -30.34 11.63 -25.87
CA ASP H 39 -30.78 11.40 -27.26
C ASP H 39 -29.59 11.45 -28.22
N ALA H 40 -28.66 12.36 -28.00
CA ALA H 40 -27.49 12.46 -28.87
C ALA H 40 -26.57 11.25 -28.71
N LEU H 41 -26.40 10.78 -27.47
CA LEU H 41 -25.49 9.67 -27.23
C LEU H 41 -26.05 8.36 -27.76
N ALA H 42 -27.37 8.25 -27.86
CA ALA H 42 -27.99 7.04 -28.40
C ALA H 42 -27.46 6.72 -29.79
N SER H 43 -27.14 7.74 -30.57
CA SER H 43 -26.55 7.57 -31.89
C SER H 43 -25.04 7.74 -31.90
N ASP H 44 -24.50 8.72 -31.15
CA ASP H 44 -23.05 8.90 -31.09
C ASP H 44 -22.35 7.63 -30.62
N PHE H 45 -22.86 7.03 -29.54
CA PHE H 45 -22.31 5.82 -28.94
C PHE H 45 -23.19 4.60 -29.24
N GLY H 46 -23.69 4.52 -30.47
CA GLY H 46 -24.62 3.46 -30.81
C GLY H 46 -24.01 2.10 -31.05
N PHE H 47 -22.72 1.91 -30.83
CA PHE H 47 -22.06 0.64 -31.07
C PHE H 47 -21.05 0.36 -29.95
N GLY H 48 -20.97 -0.90 -29.56
CA GLY H 48 -20.03 -1.32 -28.55
C GLY H 48 -20.56 -1.33 -27.14
N PHE H 49 -21.85 -1.05 -26.94
CA PHE H 49 -22.45 -1.04 -25.61
C PHE H 49 -23.52 -2.11 -25.45
N GLY H 50 -23.68 -2.99 -26.43
CA GLY H 50 -24.73 -3.99 -26.36
C GLY H 50 -24.58 -4.93 -25.17
N GLU H 51 -23.37 -5.41 -24.94
CA GLU H 51 -23.03 -6.10 -23.69
C GLU H 51 -23.90 -7.30 -23.36
N PRO H 56 -27.78 0.60 -24.74
CA PRO H 56 -29.08 0.84 -25.36
C PRO H 56 -29.70 2.17 -24.96
N VAL H 57 -29.47 2.65 -23.73
CA VAL H 57 -30.00 3.95 -23.33
C VAL H 57 -29.01 4.66 -22.41
N PHE H 58 -28.61 5.86 -22.79
CA PHE H 58 -27.61 6.61 -22.05
C PHE H 58 -28.28 7.67 -21.18
N GLY H 59 -27.62 8.04 -20.10
CA GLY H 59 -27.93 9.26 -19.42
C GLY H 59 -27.27 10.44 -20.11
N ASN H 60 -27.55 11.63 -19.61
CA ASN H 60 -26.76 12.79 -20.00
C ASN H 60 -25.35 12.62 -19.49
N ILE H 61 -24.36 12.96 -20.33
CA ILE H 61 -22.96 12.87 -19.95
C ILE H 61 -22.29 14.22 -20.20
N ILE H 62 -21.58 14.71 -19.20
CA ILE H 62 -20.76 15.91 -19.34
C ILE H 62 -19.35 15.49 -19.69
N PHE H 63 -18.81 16.05 -20.76
CA PHE H 63 -17.45 15.78 -21.18
C PHE H 63 -16.58 16.99 -20.90
N ILE H 64 -15.30 16.75 -20.68
CA ILE H 64 -14.31 17.81 -20.62
C ILE H 64 -13.31 17.58 -21.73
N LYS H 65 -13.11 18.60 -22.56
CA LYS H 65 -12.03 18.59 -23.54
C LYS H 65 -10.78 19.03 -22.79
N THR H 66 -9.82 18.12 -22.64
CA THR H 66 -8.73 18.36 -21.70
C THR H 66 -7.57 19.05 -22.38
N ALA H 67 -6.48 19.24 -21.62
CA ALA H 67 -5.37 20.07 -22.08
C ALA H 67 -4.55 19.40 -23.17
N ASP H 68 -4.64 18.08 -23.31
CA ASP H 68 -3.99 17.36 -24.40
C ASP H 68 -4.91 17.13 -25.59
N ASN H 69 -6.04 17.86 -25.65
CA ASN H 69 -7.00 17.77 -26.74
C ASN H 69 -7.69 16.42 -26.81
N LYS H 70 -7.81 15.73 -25.68
CA LYS H 70 -8.60 14.51 -25.61
C LYS H 70 -9.95 14.79 -24.98
N ILE H 71 -10.88 13.84 -25.15
CA ILE H 71 -12.24 13.97 -24.65
C ILE H 71 -12.42 12.98 -23.51
N HIS H 72 -12.69 13.49 -22.32
CA HIS H 72 -12.86 12.68 -21.13
C HIS H 72 -14.22 12.94 -20.51
N ALA H 73 -14.67 11.99 -19.69
CA ALA H 73 -15.82 12.23 -18.84
C ALA H 73 -15.43 13.17 -17.71
N TRP H 74 -16.23 14.21 -17.48
CA TRP H 74 -15.91 15.22 -16.48
C TRP H 74 -16.41 14.77 -15.11
N VAL H 75 -15.50 14.68 -14.15
CA VAL H 75 -15.83 14.39 -12.78
C VAL H 75 -16.08 15.72 -12.06
N PRO H 76 -17.23 15.93 -11.43
CA PRO H 76 -17.47 17.22 -10.76
C PRO H 76 -16.72 17.32 -9.44
N SER H 77 -15.53 17.90 -9.44
CA SER H 77 -14.77 18.01 -8.21
C SER H 77 -15.41 19.02 -7.26
N GLN H 78 -15.11 18.86 -5.96
CA GLN H 78 -15.62 19.82 -4.99
C GLN H 78 -15.06 21.21 -5.24
N THR H 79 -13.78 21.28 -5.62
CA THR H 79 -13.20 22.56 -6.02
C THR H 79 -13.99 23.19 -7.16
N ASP H 80 -14.40 22.39 -8.14
CA ASP H 80 -15.15 22.92 -9.27
C ASP H 80 -16.52 23.45 -8.84
N VAL H 81 -17.28 22.64 -8.09
CA VAL H 81 -18.66 23.02 -7.83
C VAL H 81 -18.77 24.12 -6.79
N LEU H 82 -17.74 24.33 -5.98
CA LEU H 82 -17.72 25.43 -5.01
C LEU H 82 -17.09 26.69 -5.57
N ALA H 83 -16.59 26.67 -6.81
CA ALA H 83 -15.85 27.80 -7.34
C ALA H 83 -16.81 28.87 -7.88
N GLU H 84 -16.30 30.10 -7.93
CA GLU H 84 -17.02 31.23 -8.51
C GLU H 84 -16.19 31.87 -9.62
N ASP H 85 -15.36 31.08 -10.29
CA ASP H 85 -14.49 31.57 -11.35
C ASP H 85 -14.84 30.97 -12.71
N TRP H 86 -16.12 30.62 -12.90
CA TRP H 86 -16.56 30.04 -14.16
C TRP H 86 -16.82 31.13 -15.20
N ASP H 87 -16.70 30.74 -16.46
CA ASP H 87 -17.02 31.63 -17.58
C ASP H 87 -17.43 30.79 -18.78
N ILE H 88 -17.92 31.46 -19.81
CA ILE H 88 -18.40 30.82 -21.02
C ILE H 88 -17.32 30.96 -22.09
N VAL H 89 -17.07 29.87 -22.82
CA VAL H 89 -16.09 29.91 -23.90
C VAL H 89 -16.53 30.93 -24.94
N SER H 90 -15.60 31.80 -25.33
CA SER H 90 -15.86 32.78 -26.36
C SER H 90 -16.01 32.11 -27.72
#